data_3DB3
#
_entry.id   3DB3
#
_cell.length_a   99.622
_cell.length_b   99.622
_cell.length_c   41.232
_cell.angle_alpha   90.00
_cell.angle_beta   90.00
_cell.angle_gamma   120.00
#
_symmetry.space_group_name_H-M   'P 62'
#
loop_
_entity.id
_entity.type
_entity.pdbx_description
1 polymer 'E3 ubiquitin-protein ligase UHRF1'
2 polymer 'Trimethylated histone H3-K9 peptide'
3 water water
#
loop_
_entity_poly.entity_id
_entity_poly.type
_entity_poly.pdbx_seq_one_letter_code
_entity_poly.pdbx_strand_id
1 'polypeptide(L)'
;G(MSE)WDETELGLYKVNEYVDARDTN(MSE)GAWFEAQVVRVTRKAPSRDEPCSSTSRPALEEDVIYHVKYDDYPENGV
VQ(MSE)NSRDVRARARTIIKWQDLEVGQVV(MSE)LNYNPDNPKERGFWYDAEISRKRETRTARELYANVVLGDDSLND
CRIIFVDEVFKIERPGE
;
A
2 'polypeptide(L)' TAR(M3L)ST B
#
# COMPACT_ATOMS: atom_id res chain seq x y z
N TRP A 3 -7.71 -13.42 20.46
CA TRP A 3 -7.01 -12.10 20.63
C TRP A 3 -6.08 -12.14 21.92
N ASP A 4 -6.06 -13.30 22.58
CA ASP A 4 -5.34 -13.43 23.85
C ASP A 4 -4.18 -14.46 23.82
N GLU A 5 -3.69 -14.75 22.62
CA GLU A 5 -2.59 -15.71 22.43
C GLU A 5 -1.31 -15.04 21.94
N THR A 6 -0.83 -14.04 22.69
CA THR A 6 0.43 -13.33 22.45
C THR A 6 1.59 -14.24 22.01
N GLU A 7 2.35 -13.79 21.00
CA GLU A 7 3.49 -14.52 20.44
C GLU A 7 4.57 -13.57 19.91
N LEU A 8 5.54 -14.11 19.15
CA LEU A 8 6.60 -13.31 18.50
C LEU A 8 6.98 -13.76 17.07
N GLY A 9 6.63 -12.93 16.07
CA GLY A 9 6.90 -13.19 14.64
C GLY A 9 7.55 -12.08 13.81
N LEU A 10 7.19 -12.01 12.53
CA LEU A 10 7.81 -11.10 11.54
C LEU A 10 8.06 -9.63 11.99
N TYR A 11 7.00 -8.89 12.30
CA TYR A 11 7.13 -7.55 12.90
C TYR A 11 6.83 -7.59 14.40
N LYS A 12 7.38 -6.62 15.14
CA LYS A 12 7.37 -6.64 16.61
C LYS A 12 6.44 -5.59 17.21
N VAL A 13 6.09 -5.77 18.49
CA VAL A 13 5.25 -4.81 19.22
C VAL A 13 5.94 -3.45 19.25
N ASN A 14 5.20 -2.42 18.80
CA ASN A 14 5.67 -1.03 18.76
C ASN A 14 6.35 -0.58 17.47
N GLU A 15 6.50 -1.52 16.54
CA GLU A 15 7.11 -1.24 15.24
C GLU A 15 6.18 -0.40 14.36
N TYR A 16 6.75 0.60 13.73
CA TYR A 16 6.03 1.35 12.72
C TYR A 16 6.01 0.56 11.42
N VAL A 17 4.80 0.29 10.93
CA VAL A 17 4.63 -0.47 9.70
C VAL A 17 3.64 0.21 8.76
N ASP A 18 3.38 -0.43 7.63
CA ASP A 18 2.32 -0.05 6.72
C ASP A 18 1.23 -1.11 6.90
N ALA A 19 -0.04 -0.71 6.84
CA ALA A 19 -1.14 -1.66 7.06
C ALA A 19 -2.22 -1.51 6.00
N ARG A 20 -2.66 -2.63 5.44
CA ARG A 20 -3.60 -2.61 4.33
C ARG A 20 -5.01 -2.68 4.84
N ASP A 21 -5.81 -1.67 4.49
CA ASP A 21 -7.24 -1.70 4.74
C ASP A 21 -7.88 -2.71 3.82
N THR A 22 -8.57 -3.70 4.40
CA THR A 22 -9.22 -4.77 3.68
C THR A 22 -10.35 -4.30 2.75
N ASN A 23 -11.16 -3.36 3.23
CA ASN A 23 -12.27 -2.87 2.44
C ASN A 23 -11.86 -2.10 1.16
N MSE A 24 -10.87 -1.23 1.26
CA MSE A 24 -10.50 -0.42 0.11
C MSE A 24 -9.20 -0.85 -0.59
O MSE A 24 -8.96 -0.53 -1.76
CB MSE A 24 -10.48 1.07 0.48
CG MSE A 24 -9.63 1.41 1.68
SE MSE A 24 -9.96 3.23 2.33
CE MSE A 24 -9.03 4.22 0.94
N GLY A 25 -8.37 -1.61 0.13
CA GLY A 25 -7.11 -2.11 -0.41
C GLY A 25 -5.95 -1.12 -0.37
N ALA A 26 -6.15 0.03 0.27
CA ALA A 26 -5.10 1.06 0.39
C ALA A 26 -4.21 0.85 1.62
N TRP A 27 -2.95 1.26 1.50
CA TRP A 27 -1.96 1.11 2.59
C TRP A 27 -1.80 2.38 3.45
N PHE A 28 -1.77 2.18 4.77
CA PHE A 28 -1.71 3.31 5.69
C PHE A 28 -0.57 3.12 6.69
N GLU A 29 0.10 4.21 7.08
CA GLU A 29 1.11 4.12 8.15
C GLU A 29 0.41 3.73 9.43
N ALA A 30 1.04 2.82 10.16
CA ALA A 30 0.44 2.26 11.36
C ALA A 30 1.49 1.74 12.36
N GLN A 31 1.01 1.24 13.50
CA GLN A 31 1.93 0.75 14.52
C GLN A 31 1.37 -0.50 15.19
N VAL A 32 2.24 -1.49 15.38
CA VAL A 32 1.85 -2.76 15.96
C VAL A 32 1.73 -2.58 17.45
N VAL A 33 0.52 -2.84 17.96
CA VAL A 33 0.28 -2.69 19.39
C VAL A 33 0.44 -4.04 20.13
N ARG A 34 -0.04 -5.13 19.54
CA ARG A 34 0.30 -6.48 20.00
C ARG A 34 0.35 -7.49 18.86
N VAL A 35 1.03 -8.60 19.12
CA VAL A 35 1.18 -9.69 18.14
C VAL A 35 0.68 -10.97 18.80
N THR A 36 -0.29 -11.64 18.17
CA THR A 36 -0.82 -12.90 18.67
C THR A 36 -0.73 -14.00 17.62
N ARG A 37 -0.97 -15.25 18.03
CA ARG A 37 -0.87 -16.39 17.12
C ARG A 37 -2.25 -16.92 16.76
N LYS A 38 -2.60 -16.86 15.47
CA LYS A 38 -3.84 -17.48 14.96
C LYS A 38 -3.73 -19.00 14.95
N GLU A 56 4.16 -16.44 10.16
CA GLU A 56 3.54 -16.88 8.91
C GLU A 56 2.00 -16.75 8.97
N ASP A 57 1.40 -17.32 10.01
CA ASP A 57 -0.04 -17.18 10.25
C ASP A 57 -0.31 -16.40 11.55
N VAL A 58 0.52 -15.37 11.78
CA VAL A 58 0.42 -14.48 12.93
C VAL A 58 -0.68 -13.44 12.70
N ILE A 59 -1.23 -12.91 13.78
CA ILE A 59 -2.17 -11.80 13.70
C ILE A 59 -1.57 -10.54 14.35
N TYR A 60 -1.57 -9.44 13.59
CA TYR A 60 -1.08 -8.17 14.08
C TYR A 60 -2.24 -7.33 14.57
N HIS A 61 -2.10 -6.77 15.77
CA HIS A 61 -3.07 -5.82 16.26
C HIS A 61 -2.47 -4.43 16.10
N VAL A 62 -3.14 -3.62 15.29
CA VAL A 62 -2.54 -2.44 14.68
C VAL A 62 -3.37 -1.19 14.98
N LYS A 63 -2.72 -0.07 15.23
CA LYS A 63 -3.40 1.24 15.26
C LYS A 63 -2.83 2.11 14.15
N TYR A 64 -3.69 2.89 13.51
CA TYR A 64 -3.29 3.77 12.42
C TYR A 64 -2.75 5.09 12.98
N ASP A 65 -1.67 5.60 12.40
CA ASP A 65 -1.05 6.83 12.85
C ASP A 65 -1.99 8.03 12.80
N ASP A 66 -2.69 8.21 11.69
CA ASP A 66 -3.55 9.38 11.52
C ASP A 66 -5.04 9.12 11.74
N TYR A 67 -5.38 7.93 12.23
CA TYR A 67 -6.79 7.58 12.46
C TYR A 67 -7.01 6.87 13.82
N PRO A 68 -6.76 7.58 14.95
CA PRO A 68 -6.93 6.98 16.27
C PRO A 68 -8.37 6.55 16.59
N GLU A 69 -9.33 7.25 16.01
CA GLU A 69 -10.76 6.97 16.21
C GLU A 69 -11.20 5.62 15.61
N ASN A 70 -10.34 5.02 14.79
CA ASN A 70 -10.59 3.69 14.24
C ASN A 70 -10.19 2.55 15.17
N GLY A 71 -9.55 2.90 16.28
CA GLY A 71 -9.20 1.94 17.32
C GLY A 71 -8.05 1.04 16.96
N VAL A 72 -8.05 -0.15 17.57
CA VAL A 72 -7.08 -1.20 17.25
C VAL A 72 -7.74 -2.24 16.35
N VAL A 73 -7.07 -2.57 15.26
CA VAL A 73 -7.62 -3.45 14.22
C VAL A 73 -6.74 -4.68 14.06
N GLN A 74 -7.38 -5.83 13.86
CA GLN A 74 -6.68 -7.11 13.68
C GLN A 74 -6.26 -7.28 12.23
N MSE A 75 -4.97 -7.54 12.03
CA MSE A 75 -4.42 -7.68 10.71
C MSE A 75 -3.92 -9.09 10.46
O MSE A 75 -3.22 -9.68 11.32
CB MSE A 75 -3.26 -6.70 10.50
CG MSE A 75 -3.62 -5.22 10.65
SE MSE A 75 -4.74 -4.43 9.24
CE MSE A 75 -3.78 -4.95 7.70
N ASN A 76 -4.30 -9.64 9.31
CA ASN A 76 -3.64 -10.82 8.79
C ASN A 76 -2.23 -10.42 8.34
N SER A 77 -1.26 -11.29 8.59
CA SER A 77 0.14 -10.98 8.31
C SER A 77 0.42 -10.55 6.86
N ARG A 78 -0.45 -10.92 5.92
CA ARG A 78 -0.31 -10.47 4.52
C ARG A 78 -0.63 -9.00 4.35
N ASP A 79 -1.25 -8.41 5.37
CA ASP A 79 -1.75 -7.05 5.27
C ASP A 79 -0.93 -6.04 6.07
N VAL A 80 0.25 -6.47 6.53
CA VAL A 80 1.23 -5.55 7.10
C VAL A 80 2.66 -5.82 6.61
N ARG A 81 3.37 -4.74 6.34
CA ARG A 81 4.75 -4.81 5.87
C ARG A 81 5.50 -3.59 6.34
N ALA A 82 6.84 -3.65 6.26
CA ALA A 82 7.69 -2.50 6.53
C ALA A 82 7.20 -1.32 5.70
N ARG A 83 7.28 -0.11 6.24
CA ARG A 83 6.92 1.11 5.54
C ARG A 83 7.76 1.38 4.31
N ALA A 84 7.09 1.77 3.22
CA ALA A 84 7.78 2.22 2.00
C ALA A 84 8.76 3.32 2.35
N ARG A 85 9.98 3.24 1.80
CA ARG A 85 11.00 4.27 2.00
C ARG A 85 11.63 4.71 0.69
N THR A 86 11.54 3.86 -0.33
CA THR A 86 12.30 4.06 -1.57
C THR A 86 11.38 4.39 -2.74
N ILE A 87 11.63 5.56 -3.33
CA ILE A 87 10.95 6.01 -4.54
C ILE A 87 11.66 5.46 -5.78
N ILE A 88 10.92 4.86 -6.68
CA ILE A 88 11.49 4.52 -7.97
C ILE A 88 11.31 5.68 -8.94
N LYS A 89 12.45 6.22 -9.38
CA LYS A 89 12.48 7.30 -10.37
C LYS A 89 11.88 6.84 -11.69
N TRP A 90 11.23 7.80 -12.37
CA TRP A 90 10.62 7.61 -13.68
C TRP A 90 11.45 6.75 -14.63
N GLN A 91 12.74 7.05 -14.71
CA GLN A 91 13.64 6.39 -15.65
C GLN A 91 13.73 4.89 -15.37
N ASP A 92 13.62 4.55 -14.08
CA ASP A 92 13.78 3.18 -13.60
C ASP A 92 12.49 2.35 -13.58
N LEU A 93 11.37 2.97 -13.96
CA LEU A 93 10.08 2.28 -13.99
C LEU A 93 9.99 1.36 -15.22
N GLU A 94 9.56 0.12 -14.99
CA GLU A 94 9.43 -0.87 -16.08
C GLU A 94 8.06 -1.51 -16.06
N VAL A 95 7.50 -1.70 -17.24
CA VAL A 95 6.30 -2.46 -17.41
C VAL A 95 6.46 -3.79 -16.65
N GLY A 96 5.43 -4.17 -15.90
CA GLY A 96 5.44 -5.41 -15.16
C GLY A 96 5.95 -5.31 -13.74
N GLN A 97 6.47 -4.14 -13.37
CA GLN A 97 6.92 -3.89 -11.99
C GLN A 97 5.69 -3.78 -11.09
N VAL A 98 5.76 -4.40 -9.92
CA VAL A 98 4.69 -4.22 -8.92
C VAL A 98 5.15 -3.26 -7.83
N VAL A 99 4.41 -2.15 -7.70
CA VAL A 99 4.82 -0.97 -6.95
C VAL A 99 3.67 -0.47 -6.07
N MSE A 100 3.94 0.52 -5.22
CA MSE A 100 2.92 1.20 -4.45
C MSE A 100 2.88 2.62 -4.96
O MSE A 100 3.92 3.27 -5.08
CB MSE A 100 3.18 1.17 -2.94
CG MSE A 100 1.97 1.62 -2.10
SE MSE A 100 2.33 1.81 -0.16
CE MSE A 100 3.31 3.50 -0.27
N LEU A 101 1.70 3.09 -5.30
CA LEU A 101 1.59 4.38 -5.97
C LEU A 101 0.25 5.00 -5.58
N ASN A 102 0.09 6.29 -5.86
CA ASN A 102 -1.05 7.02 -5.40
C ASN A 102 -2.08 7.20 -6.53
N TYR A 103 -3.33 6.85 -6.23
CA TYR A 103 -4.42 6.84 -7.19
C TYR A 103 -5.75 7.17 -6.50
N ASN A 104 -6.66 7.75 -7.27
CA ASN A 104 -8.00 8.11 -6.79
C ASN A 104 -9.10 7.56 -7.72
N PRO A 105 -9.67 6.39 -7.36
CA PRO A 105 -10.72 5.71 -8.13
C PRO A 105 -11.93 6.56 -8.52
N ASP A 106 -12.41 7.35 -7.56
CA ASP A 106 -13.61 8.12 -7.78
C ASP A 106 -13.32 9.39 -8.55
N ASN A 107 -12.10 9.94 -8.35
CA ASN A 107 -11.69 11.18 -9.02
C ASN A 107 -10.26 11.11 -9.53
N PRO A 108 -10.04 10.30 -10.60
CA PRO A 108 -8.73 9.89 -11.10
C PRO A 108 -7.75 11.02 -11.43
N LYS A 109 -8.23 12.25 -11.55
CA LYS A 109 -7.35 13.37 -11.84
C LYS A 109 -6.86 14.02 -10.57
N GLU A 110 -7.40 13.57 -9.44
CA GLU A 110 -7.01 14.09 -8.15
C GLU A 110 -6.19 13.09 -7.32
N ARG A 111 -5.51 13.65 -6.32
CA ARG A 111 -4.78 12.91 -5.29
C ARG A 111 -5.71 11.94 -4.54
N GLY A 112 -5.19 10.76 -4.21
CA GLY A 112 -5.98 9.75 -3.50
C GLY A 112 -5.20 9.01 -2.43
N PHE A 113 -5.27 7.68 -2.47
CA PHE A 113 -4.58 6.83 -1.48
C PHE A 113 -3.56 5.94 -2.17
N TRP A 114 -2.80 5.22 -1.36
CA TRP A 114 -1.69 4.42 -1.81
C TRP A 114 -2.10 2.98 -2.00
N TYR A 115 -2.01 2.51 -3.24
CA TYR A 115 -2.39 1.14 -3.58
C TYR A 115 -1.24 0.40 -4.23
N ASP A 116 -1.27 -0.93 -4.13
CA ASP A 116 -0.40 -1.76 -4.94
C ASP A 116 -0.90 -1.83 -6.39
N ALA A 117 0.05 -1.84 -7.31
CA ALA A 117 -0.28 -1.78 -8.72
C ALA A 117 0.85 -2.37 -9.56
N GLU A 118 0.46 -2.83 -10.74
CA GLU A 118 1.36 -3.35 -11.75
C GLU A 118 1.45 -2.33 -12.90
N ILE A 119 2.68 -1.92 -13.16
CA ILE A 119 2.94 -0.99 -14.27
C ILE A 119 2.62 -1.68 -15.56
N SER A 120 1.87 -0.97 -16.39
CA SER A 120 1.16 -1.55 -17.50
C SER A 120 1.59 -0.89 -18.85
N ARG A 121 1.65 0.44 -18.87
CA ARG A 121 2.08 1.20 -20.03
C ARG A 121 2.96 2.31 -19.56
N LYS A 122 4.00 2.60 -20.32
CA LYS A 122 4.89 3.71 -20.05
C LYS A 122 5.23 4.41 -21.39
N ARG A 123 4.75 5.65 -21.52
CA ARG A 123 4.89 6.43 -22.74
C ARG A 123 5.57 7.73 -22.40
N GLU A 124 6.30 8.29 -23.37
CA GLU A 124 7.15 9.46 -23.17
C GLU A 124 7.36 10.19 -24.51
N THR A 125 7.09 11.50 -24.53
CA THR A 125 7.50 12.35 -25.64
C THR A 125 8.59 13.26 -25.13
N ARG A 126 8.96 14.29 -25.88
CA ARG A 126 9.93 15.28 -25.38
C ARG A 126 9.42 16.04 -24.15
N THR A 127 8.11 16.23 -24.06
CA THR A 127 7.55 17.13 -23.04
C THR A 127 6.54 16.44 -22.10
N ALA A 128 5.99 15.31 -22.53
CA ALA A 128 5.00 14.60 -21.71
C ALA A 128 5.47 13.19 -21.31
N ARG A 129 4.92 12.70 -20.22
CA ARG A 129 5.18 11.37 -19.69
C ARG A 129 3.82 10.78 -19.32
N GLU A 130 3.57 9.53 -19.71
CA GLU A 130 2.31 8.85 -19.40
C GLU A 130 2.56 7.47 -18.78
N LEU A 131 1.92 7.24 -17.65
CA LEU A 131 2.06 5.98 -16.94
C LEU A 131 0.69 5.42 -16.71
N TYR A 132 0.52 4.15 -17.08
CA TYR A 132 -0.69 3.44 -16.74
C TYR A 132 -0.33 2.25 -15.87
N ALA A 133 -1.26 1.86 -14.99
CA ALA A 133 -1.05 0.70 -14.14
C ALA A 133 -2.37 -0.02 -13.92
N ASN A 134 -2.29 -1.33 -13.71
CA ASN A 134 -3.39 -2.12 -13.16
C ASN A 134 -3.34 -2.01 -11.64
N VAL A 135 -4.35 -1.35 -11.08
CA VAL A 135 -4.38 -1.05 -9.67
C VAL A 135 -5.26 -2.04 -8.88
N VAL A 136 -4.65 -2.66 -7.87
CA VAL A 136 -5.34 -3.61 -6.99
C VAL A 136 -6.06 -2.91 -5.85
N LEU A 137 -7.38 -3.05 -5.79
CA LEU A 137 -8.12 -2.28 -4.80
C LEU A 137 -9.12 -3.06 -3.92
N GLY A 138 -8.58 -3.91 -3.06
CA GLY A 138 -9.44 -4.57 -2.07
C GLY A 138 -10.01 -5.88 -2.55
N ASP A 139 -11.09 -5.80 -3.32
CA ASP A 139 -11.79 -7.00 -3.77
C ASP A 139 -11.41 -7.44 -5.19
N ASP A 140 -10.86 -6.53 -5.98
CA ASP A 140 -10.63 -6.79 -7.40
C ASP A 140 -9.45 -6.02 -7.96
N SER A 141 -9.39 -5.94 -9.29
CA SER A 141 -8.31 -5.28 -10.01
C SER A 141 -8.92 -4.32 -11.05
N LEU A 142 -8.33 -3.14 -11.15
CA LEU A 142 -8.78 -2.13 -12.07
C LEU A 142 -7.69 -1.88 -13.11
N ASN A 143 -7.96 -2.30 -14.35
CA ASN A 143 -6.98 -2.25 -15.42
C ASN A 143 -6.87 -0.91 -16.15
N ASP A 144 -5.63 -0.59 -16.54
CA ASP A 144 -5.33 0.55 -17.42
C ASP A 144 -5.70 1.89 -16.77
N CYS A 145 -5.24 2.10 -15.53
CA CYS A 145 -5.47 3.38 -14.85
C CYS A 145 -4.33 4.32 -15.15
N ARG A 146 -4.69 5.55 -15.53
CA ARG A 146 -3.72 6.60 -15.77
C ARG A 146 -3.21 7.16 -14.44
N ILE A 147 -1.93 6.96 -14.16
CA ILE A 147 -1.32 7.44 -12.91
C ILE A 147 -0.80 8.86 -13.11
N ILE A 148 -1.28 9.76 -12.26
CA ILE A 148 -0.99 11.18 -12.38
C ILE A 148 0.34 11.47 -11.66
N PHE A 149 0.51 10.85 -10.49
CA PHE A 149 1.64 11.11 -9.58
C PHE A 149 2.83 10.24 -9.91
N VAL A 150 3.40 10.59 -11.05
CA VAL A 150 4.39 9.78 -11.74
C VAL A 150 5.81 9.79 -11.12
N ASP A 151 6.05 10.74 -10.20
CA ASP A 151 7.33 10.88 -9.52
C ASP A 151 7.26 10.42 -8.06
N GLU A 152 6.11 9.84 -7.70
CA GLU A 152 5.89 9.38 -6.34
C GLU A 152 5.50 7.91 -6.29
N VAL A 153 6.28 7.10 -6.98
CA VAL A 153 6.06 5.67 -7.03
C VAL A 153 7.09 4.99 -6.12
N PHE A 154 6.58 4.26 -5.12
CA PHE A 154 7.41 3.58 -4.15
C PHE A 154 7.72 2.12 -4.50
N LYS A 155 8.95 1.71 -4.20
CA LYS A 155 9.32 0.30 -4.15
C LYS A 155 8.55 -0.36 -3.02
N ILE A 156 8.14 -1.62 -3.20
CA ILE A 156 7.49 -2.38 -2.14
C ILE A 156 8.53 -3.15 -1.29
N GLU A 157 8.55 -2.86 0.01
CA GLU A 157 9.44 -3.56 0.96
C GLU A 157 9.10 -5.06 1.15
N ARG A 158 10.03 -5.92 0.75
CA ARG A 158 9.85 -7.36 0.91
C ARG A 158 10.92 -7.99 1.84
N PRO A 159 10.54 -9.03 2.61
CA PRO A 159 11.57 -9.67 3.46
C PRO A 159 12.40 -10.71 2.70
N ARG B 3 -13.50 11.04 2.06
CA ARG B 3 -12.48 10.29 1.25
C ARG B 3 -12.34 8.83 1.68
N M3L B 4 -11.92 8.61 2.93
CA M3L B 4 -11.85 7.26 3.49
CB M3L B 4 -11.52 7.34 4.98
CG M3L B 4 -10.06 6.99 5.19
CD M3L B 4 -9.92 5.54 5.65
CE M3L B 4 -8.71 5.39 6.57
NZ M3L B 4 -8.63 4.10 7.26
C M3L B 4 -13.15 6.51 3.25
O M3L B 4 -14.23 6.99 3.61
CM1 M3L B 4 -7.23 3.87 7.65
CM2 M3L B 4 -9.44 4.12 8.49
CM3 M3L B 4 -9.08 2.97 6.43
N SER B 5 -13.02 5.33 2.63
CA SER B 5 -14.15 4.57 2.09
C SER B 5 -15.38 4.51 3.01
#